data_4MAA
#
_entry.id   4MAA
#
_cell.length_a   55.236
_cell.length_b   65.031
_cell.length_c   59.962
_cell.angle_alpha   90.00
_cell.angle_beta   109.89
_cell.angle_gamma   90.00
#
_symmetry.space_group_name_H-M   'P 1 21 1'
#
loop_
_entity.id
_entity.type
_entity.pdbx_description
1 polymer 'Putative branched-chain amino acid ABC transporter, periplasmic amino acid-binding protein'
2 non-polymer 'CHLORIDE ION'
3 non-polymer GLYCEROL
4 water water
#
_entity_poly.entity_id   1
_entity_poly.type   'polypeptide(L)'
_entity_poly.pdbx_seq_one_letter_code
;SNA(MSE)QRRTLLKAGLAVSGALSLGLGVRNAFAAEPFTFYGLKS(MSE)SGAFASYGKFAD(MSE)GSRLAVEQYPTL
LGRPLHYKVIDTEGNAGKAVRRVQEAIAQDGARFFQGCTLSSSALAVAKEVGKVGGVF(MSE)TPVGADEITGKDCNAST
FRWSVPTYGAIRET(MSE)VPLIKLLPEAKRWYTITPQYVFGEALLEGAKQVCAEHGIEHIGNSYHSLQEQEFSGYLTNA
IAARPDVLVLLNFGSQSSNALRQAVNFGIKER(MSE)KVLLVWSAGLDQFQELGSDVLEGVYLGAQYWHQVDTPLNRELV
KLTQAKYGINPTYPLAADYIGSKIILDTIAATGSFDGATVAKA(MSE)QGLTYQGPTGEESIRAGDHQVIKDYYLLVGKA
AAT(MSE)RDKDDLAEVLSAGRSFPDVSATGCALA
;
_entity_poly.pdbx_strand_id   A
#
# COMPACT_ATOMS: atom_id res chain seq x y z
N PHE A 30 3.29 35.92 -24.18
CA PHE A 30 3.70 34.53 -24.33
C PHE A 30 3.99 33.81 -23.00
N ALA A 31 3.33 32.68 -22.80
CA ALA A 31 3.41 31.97 -21.54
C ALA A 31 4.70 31.15 -21.39
N ALA A 32 5.00 30.77 -20.15
CA ALA A 32 6.13 29.91 -19.87
C ALA A 32 5.88 28.50 -20.39
N GLU A 33 6.92 27.71 -20.52
CA GLU A 33 6.77 26.33 -20.97
C GLU A 33 6.13 25.51 -19.85
N PRO A 34 5.10 24.71 -20.19
CA PRO A 34 4.50 23.94 -19.11
C PRO A 34 5.45 22.87 -18.62
N PHE A 35 5.30 22.48 -17.35
CA PHE A 35 5.98 21.31 -16.84
C PHE A 35 4.90 20.28 -16.60
N THR A 36 5.18 19.02 -16.94
CA THR A 36 4.16 17.97 -16.80
C THR A 36 4.56 16.91 -15.76
N PHE A 37 3.62 16.58 -14.88
CA PHE A 37 3.80 15.53 -13.89
C PHE A 37 3.00 14.32 -14.36
N TYR A 38 3.58 13.13 -14.29
CA TYR A 38 2.91 11.96 -14.87
C TYR A 38 2.41 10.99 -13.82
N GLY A 39 1.09 10.74 -13.83
CA GLY A 39 0.52 9.72 -12.97
C GLY A 39 0.37 8.41 -13.72
N LEU A 40 0.95 7.35 -13.17
CA LEU A 40 0.83 6.01 -13.73
C LEU A 40 -0.27 5.29 -12.99
N LYS A 41 -1.43 5.13 -13.61
CA LYS A 41 -2.59 4.62 -12.91
C LYS A 41 -3.22 3.50 -13.71
N SER A 42 -3.71 2.48 -13.01
CA SER A 42 -4.45 1.42 -13.69
C SER A 42 -5.89 1.88 -13.91
N SER A 44 -7.89 1.30 -16.55
CA SER A 44 -8.74 0.29 -17.16
C SER A 44 -8.28 -1.11 -16.75
N GLY A 45 -9.14 -2.11 -16.93
CA GLY A 45 -8.80 -3.47 -16.60
C GLY A 45 -9.30 -3.86 -15.22
N ALA A 46 -8.70 -4.90 -14.64
CA ALA A 46 -9.19 -5.48 -13.39
C ALA A 46 -8.97 -4.56 -12.18
N PHE A 47 -8.10 -3.57 -12.33
CA PHE A 47 -7.78 -2.71 -11.19
C PHE A 47 -8.25 -1.29 -11.42
N ALA A 48 -9.32 -1.15 -12.20
CA ALA A 48 -9.84 0.16 -12.56
C ALA A 48 -10.25 0.98 -11.33
N SER A 49 -10.79 0.32 -10.32
CA SER A 49 -11.26 1.01 -9.11
C SER A 49 -10.10 1.59 -8.33
N TYR A 50 -9.03 0.80 -8.14
CA TYR A 50 -7.80 1.32 -7.55
C TYR A 50 -7.31 2.55 -8.32
N GLY A 51 -7.21 2.42 -9.64
CA GLY A 51 -6.66 3.49 -10.46
C GLY A 51 -7.45 4.77 -10.39
N LYS A 52 -8.76 4.63 -10.27
CA LYS A 52 -9.66 5.79 -10.20
C LYS A 52 -9.33 6.63 -8.98
N PHE A 53 -9.16 5.97 -7.83
CA PHE A 53 -8.89 6.68 -6.59
C PHE A 53 -7.43 7.14 -6.46
N ALA A 54 -6.49 6.34 -6.97
CA ALA A 54 -5.10 6.77 -7.03
C ALA A 54 -4.97 8.02 -7.88
N ASP A 55 -5.66 8.03 -9.02
CA ASP A 55 -5.70 9.20 -9.89
C ASP A 55 -6.27 10.41 -9.16
N GLY A 57 -6.10 11.00 -6.04
CA GLY A 57 -5.05 11.41 -5.13
C GLY A 57 -3.99 12.29 -5.76
N SER A 58 -3.43 11.87 -6.89
CA SER A 58 -2.44 12.70 -7.59
C SER A 58 -3.03 14.04 -8.02
N ARG A 59 -4.27 14.02 -8.50
CA ARG A 59 -4.91 15.24 -8.99
C ARG A 59 -5.02 16.31 -7.89
N LEU A 60 -5.38 15.88 -6.68
CA LEU A 60 -5.46 16.79 -5.53
C LEU A 60 -4.11 17.44 -5.24
N ALA A 61 -3.04 16.65 -5.33
CA ALA A 61 -1.70 17.16 -5.07
C ALA A 61 -1.29 18.17 -6.13
N VAL A 62 -1.52 17.82 -7.39
CA VAL A 62 -1.13 18.70 -8.51
C VAL A 62 -1.91 20.01 -8.49
N GLU A 63 -3.19 19.94 -8.13
CA GLU A 63 -4.05 21.13 -8.06
C GLU A 63 -3.60 22.17 -7.03
N GLN A 64 -2.82 21.74 -6.04
CA GLN A 64 -2.28 22.68 -5.06
C GLN A 64 -1.12 23.52 -5.62
N TYR A 65 -0.63 23.16 -6.80
CA TYR A 65 0.39 23.95 -7.50
C TYR A 65 -0.13 24.37 -8.87
N PRO A 66 -0.88 25.49 -8.94
CA PRO A 66 -1.30 25.99 -10.25
C PRO A 66 -0.07 26.22 -11.12
N THR A 67 1.00 26.73 -10.51
CA THR A 67 2.30 26.82 -11.17
C THR A 67 3.38 26.23 -10.26
N LEU A 68 4.51 25.87 -10.86
CA LEU A 68 5.61 25.29 -10.10
C LEU A 68 6.88 25.92 -10.64
N LEU A 69 7.64 26.57 -9.75
CA LEU A 69 8.79 27.38 -10.16
C LEU A 69 8.45 28.28 -11.35
N GLY A 70 7.26 28.89 -11.32
CA GLY A 70 6.87 29.86 -12.32
C GLY A 70 6.28 29.28 -13.60
N ARG A 71 6.30 27.95 -13.73
CA ARG A 71 5.80 27.31 -14.93
C ARG A 71 4.45 26.66 -14.68
N PRO A 72 3.51 26.76 -15.64
CA PRO A 72 2.21 26.13 -15.47
C PRO A 72 2.42 24.63 -15.27
N LEU A 73 1.75 24.04 -14.28
CA LEU A 73 1.93 22.63 -13.97
C LEU A 73 0.79 21.82 -14.59
N HIS A 74 1.14 20.90 -15.49
CA HIS A 74 0.14 20.04 -16.10
C HIS A 74 0.22 18.63 -15.52
N TYR A 75 -0.92 17.96 -15.46
CA TYR A 75 -0.95 16.57 -15.03
C TYR A 75 -1.36 15.73 -16.23
N LYS A 76 -0.65 14.62 -16.46
CA LYS A 76 -1.03 13.71 -17.55
C LYS A 76 -1.15 12.33 -16.97
N VAL A 77 -2.31 11.71 -17.15
CA VAL A 77 -2.51 10.34 -16.68
C VAL A 77 -2.02 9.35 -17.73
N ILE A 78 -1.24 8.38 -17.28
CA ILE A 78 -0.86 7.27 -18.13
C ILE A 78 -1.59 6.02 -17.65
N ASP A 79 -2.30 5.35 -18.56
CA ASP A 79 -3.05 4.14 -18.18
C ASP A 79 -2.13 2.91 -18.28
N THR A 80 -1.78 2.32 -17.15
CA THR A 80 -0.94 1.13 -17.15
C THR A 80 -1.76 -0.12 -17.51
N GLU A 81 -3.08 -0.01 -17.42
CA GLU A 81 -3.99 -1.14 -17.63
C GLU A 81 -3.70 -2.29 -16.68
N GLY A 82 -3.00 -2.01 -15.58
CA GLY A 82 -2.56 -3.05 -14.68
C GLY A 82 -1.72 -4.10 -15.39
N ASN A 83 -0.84 -3.66 -16.28
CA ASN A 83 -0.03 -4.58 -17.07
C ASN A 83 1.40 -4.03 -17.26
N ALA A 84 2.40 -4.80 -16.84
CA ALA A 84 3.77 -4.31 -16.82
C ALA A 84 4.25 -3.87 -18.21
N GLY A 85 3.85 -4.61 -19.23
CA GLY A 85 4.28 -4.31 -20.58
C GLY A 85 3.69 -3.01 -21.07
N LYS A 86 2.40 -2.81 -20.82
CA LYS A 86 1.74 -1.55 -21.19
C LYS A 86 2.35 -0.38 -20.42
N ALA A 87 2.57 -0.56 -19.12
CA ALA A 87 3.18 0.49 -18.30
C ALA A 87 4.51 0.95 -18.91
N VAL A 88 5.37 -0.02 -19.25
CA VAL A 88 6.68 0.30 -19.79
C VAL A 88 6.60 1.05 -21.10
N ARG A 89 5.73 0.61 -22.00
CA ARG A 89 5.63 1.24 -23.30
C ARG A 89 5.10 2.66 -23.19
N ARG A 90 4.12 2.88 -22.34
CA ARG A 90 3.57 4.22 -22.20
C ARG A 90 4.58 5.16 -21.56
N VAL A 91 5.33 4.66 -20.58
CA VAL A 91 6.37 5.46 -19.94
C VAL A 91 7.48 5.78 -20.94
N GLN A 92 7.87 4.78 -21.73
CA GLN A 92 8.90 4.98 -22.75
C GLN A 92 8.49 6.03 -23.78
N GLU A 93 7.24 5.99 -24.21
CA GLU A 93 6.72 7.00 -25.14
C GLU A 93 6.75 8.41 -24.55
N ALA A 94 6.35 8.52 -23.28
CA ALA A 94 6.32 9.84 -22.64
C ALA A 94 7.75 10.37 -22.46
N ILE A 95 8.67 9.49 -22.10
CA ILE A 95 10.07 9.88 -22.00
C ILE A 95 10.59 10.39 -23.34
N ALA A 96 10.35 9.61 -24.39
CA ALA A 96 10.95 9.90 -25.70
C ALA A 96 10.29 11.08 -26.40
N GLN A 97 8.97 11.13 -26.34
CA GLN A 97 8.21 12.11 -27.13
C GLN A 97 8.04 13.42 -26.39
N ASP A 98 7.90 13.36 -25.07
CA ASP A 98 7.51 14.55 -24.31
C ASP A 98 8.55 14.96 -23.26
N GLY A 99 9.66 14.22 -23.18
CA GLY A 99 10.69 14.52 -22.21
C GLY A 99 10.27 14.30 -20.75
N ALA A 100 9.41 13.30 -20.54
CA ALA A 100 8.89 12.99 -19.22
C ALA A 100 9.98 12.58 -18.24
N ARG A 101 9.89 13.04 -16.99
CA ARG A 101 10.92 12.71 -15.98
C ARG A 101 10.37 12.34 -14.61
N PHE A 102 9.22 12.90 -14.26
CA PHE A 102 8.68 12.71 -12.91
C PHE A 102 7.38 11.92 -12.96
N PHE A 103 7.37 10.79 -12.25
CA PHE A 103 6.29 9.80 -12.32
C PHE A 103 5.86 9.38 -10.93
N GLN A 104 4.58 9.05 -10.79
CA GLN A 104 4.08 8.53 -9.52
C GLN A 104 2.97 7.53 -9.81
N GLY A 105 3.03 6.36 -9.17
CA GLY A 105 1.94 5.42 -9.29
C GLY A 105 2.32 3.97 -9.51
N CYS A 106 1.52 3.30 -10.33
CA CYS A 106 1.48 1.84 -10.51
C CYS A 106 0.64 1.19 -9.42
N THR A 107 -0.08 0.14 -9.81
CA THR A 107 -0.90 -0.62 -8.87
C THR A 107 -0.15 -1.90 -8.52
N LEU A 108 0.50 -2.47 -9.52
CA LEU A 108 1.17 -3.78 -9.38
C LEU A 108 2.68 -3.64 -9.22
N SER A 109 3.26 -4.49 -8.37
CA SER A 109 4.70 -4.51 -8.19
C SER A 109 5.44 -4.81 -9.49
N SER A 110 4.86 -5.69 -10.31
CA SER A 110 5.50 -6.05 -11.58
C SER A 110 5.65 -4.81 -12.48
N SER A 111 4.58 -4.02 -12.58
CA SER A 111 4.64 -2.78 -13.34
C SER A 111 5.69 -1.83 -12.77
N ALA A 112 5.72 -1.68 -11.46
CA ALA A 112 6.64 -0.72 -10.84
C ALA A 112 8.11 -1.13 -11.01
N LEU A 113 8.40 -2.43 -10.86
CA LEU A 113 9.77 -2.92 -11.06
C LEU A 113 10.26 -2.59 -12.48
N ALA A 114 9.39 -2.83 -13.45
CA ALA A 114 9.73 -2.58 -14.86
C ALA A 114 9.86 -1.09 -15.13
N VAL A 115 8.90 -0.31 -14.64
CA VAL A 115 8.96 1.14 -14.81
C VAL A 115 10.20 1.74 -14.13
N ALA A 116 10.55 1.23 -12.95
CA ALA A 116 11.72 1.73 -12.23
C ALA A 116 12.99 1.70 -13.07
N LYS A 117 13.17 0.64 -13.85
CA LYS A 117 14.34 0.56 -14.72
C LYS A 117 14.35 1.66 -15.77
N GLU A 118 13.18 1.95 -16.36
CA GLU A 118 13.10 2.93 -17.44
C GLU A 118 13.35 4.35 -16.92
N VAL A 119 12.74 4.68 -15.79
CA VAL A 119 12.93 6.00 -15.20
C VAL A 119 14.36 6.15 -14.72
N GLY A 120 14.90 5.07 -14.15
CA GLY A 120 16.28 5.07 -13.67
C GLY A 120 17.27 5.36 -14.78
N LYS A 121 16.98 4.85 -15.97
CA LYS A 121 17.89 5.01 -17.09
C LYS A 121 17.99 6.45 -17.57
N VAL A 122 16.91 7.22 -17.47
CA VAL A 122 16.95 8.63 -17.88
C VAL A 122 17.17 9.60 -16.71
N GLY A 123 17.40 9.07 -15.52
CA GLY A 123 17.64 9.91 -14.36
C GLY A 123 16.44 10.74 -13.91
N GLY A 124 15.25 10.15 -13.97
CA GLY A 124 14.05 10.82 -13.51
C GLY A 124 13.77 10.47 -12.06
N VAL A 125 12.52 10.64 -11.63
CA VAL A 125 12.10 10.28 -10.29
C VAL A 125 10.80 9.50 -10.39
N PHE A 126 10.69 8.43 -9.61
CA PHE A 126 9.52 7.57 -9.62
C PHE A 126 9.20 7.23 -8.18
N THR A 128 6.26 5.24 -5.78
CA THR A 128 5.27 4.19 -5.99
C THR A 128 4.66 3.76 -4.67
N PRO A 129 3.41 3.27 -4.69
CA PRO A 129 2.81 2.75 -3.46
C PRO A 129 2.83 1.22 -3.36
N VAL A 130 3.43 0.54 -4.34
CA VAL A 130 3.34 -0.92 -4.39
C VAL A 130 4.08 -1.54 -3.21
N GLY A 131 3.81 -2.81 -2.93
CA GLY A 131 4.30 -3.45 -1.72
C GLY A 131 5.41 -4.49 -1.78
N ALA A 132 5.93 -4.85 -2.96
CA ALA A 132 6.99 -5.86 -3.01
C ALA A 132 8.26 -5.35 -2.34
N ASP A 133 8.87 -6.20 -1.51
CA ASP A 133 10.04 -5.81 -0.74
C ASP A 133 11.21 -5.41 -1.63
N GLU A 134 11.27 -6.00 -2.82
CA GLU A 134 12.41 -5.81 -3.72
C GLU A 134 12.59 -4.38 -4.20
N ILE A 135 11.48 -3.64 -4.29
CA ILE A 135 11.48 -2.25 -4.79
C ILE A 135 12.49 -1.40 -4.04
N THR A 136 12.66 -1.71 -2.75
CA THR A 136 13.61 -1.00 -1.92
C THR A 136 14.68 -1.96 -1.41
N GLY A 137 14.85 -3.06 -2.13
CA GLY A 137 15.82 -4.08 -1.76
C GLY A 137 16.76 -4.37 -2.91
N LYS A 138 16.83 -5.64 -3.32
CA LYS A 138 17.75 -6.05 -4.38
C LYS A 138 17.55 -5.25 -5.68
N ASP A 139 16.33 -4.74 -5.91
CA ASP A 139 16.06 -4.03 -7.16
C ASP A 139 15.92 -2.53 -6.98
N CYS A 140 16.37 -1.99 -5.85
CA CYS A 140 16.30 -0.53 -5.64
C CYS A 140 17.12 0.21 -6.70
N ASN A 141 16.78 1.46 -6.97
CA ASN A 141 17.70 2.34 -7.72
C ASN A 141 17.63 3.81 -7.28
N ALA A 142 18.55 4.61 -7.78
CA ALA A 142 18.69 5.99 -7.31
C ALA A 142 17.47 6.86 -7.61
N SER A 143 16.63 6.41 -8.56
CA SER A 143 15.49 7.21 -9.01
C SER A 143 14.16 6.87 -8.34
N THR A 144 14.14 5.75 -7.61
CA THR A 144 12.88 5.13 -7.22
C THR A 144 12.67 5.12 -5.70
N PHE A 145 11.47 5.52 -5.28
CA PHE A 145 11.11 5.65 -3.87
C PHE A 145 9.76 4.97 -3.66
N ARG A 146 9.47 4.54 -2.44
CA ARG A 146 8.25 3.77 -2.21
C ARG A 146 7.65 4.09 -0.85
N TRP A 147 6.36 4.41 -0.84
CA TRP A 147 5.68 4.88 0.35
C TRP A 147 5.16 3.76 1.25
N SER A 148 4.58 2.72 0.66
CA SER A 148 3.92 1.69 1.48
C SER A 148 4.89 0.87 2.32
N VAL A 149 4.40 0.31 3.42
CA VAL A 149 5.19 -0.65 4.19
C VAL A 149 5.11 -1.98 3.44
N PRO A 150 6.26 -2.62 3.17
CA PRO A 150 6.24 -3.89 2.43
C PRO A 150 5.92 -5.08 3.33
N THR A 151 6.07 -6.32 2.85
CA THR A 151 5.64 -7.49 3.63
C THR A 151 6.33 -7.62 5.00
N TYR A 152 7.63 -7.33 5.04
CA TYR A 152 8.38 -7.45 6.28
C TYR A 152 7.66 -6.75 7.43
N GLY A 153 7.27 -5.49 7.20
CA GLY A 153 6.63 -4.69 8.23
C GLY A 153 5.16 -5.01 8.43
N ALA A 154 4.46 -5.36 7.35
CA ALA A 154 3.03 -5.65 7.45
C ALA A 154 2.78 -6.85 8.38
N ILE A 155 3.58 -7.88 8.20
CA ILE A 155 3.48 -9.08 9.01
C ILE A 155 3.80 -8.77 10.47
N ARG A 156 4.82 -7.95 10.70
CA ARG A 156 5.25 -7.69 12.07
C ARG A 156 4.34 -6.72 12.82
N GLU A 157 3.73 -5.78 12.11
CA GLU A 157 2.86 -4.80 12.77
C GLU A 157 1.42 -5.29 12.90
N THR A 158 1.18 -6.51 12.42
CA THR A 158 -0.12 -7.13 12.66
C THR A 158 0.02 -8.29 13.64
N VAL A 160 2.62 -9.40 15.59
CA VAL A 160 3.25 -9.15 16.90
C VAL A 160 2.30 -8.48 17.91
N PRO A 161 1.63 -7.37 17.53
CA PRO A 161 0.67 -6.79 18.47
C PRO A 161 -0.53 -7.69 18.76
N LEU A 162 -0.93 -8.51 17.79
CA LEU A 162 -2.05 -9.43 18.01
C LEU A 162 -1.68 -10.52 19.04
N ILE A 163 -0.46 -11.03 18.96
CA ILE A 163 0.06 -11.98 19.94
C ILE A 163 -0.03 -11.39 21.35
N LYS A 164 0.30 -10.11 21.46
CA LYS A 164 0.20 -9.42 22.74
C LYS A 164 -1.27 -9.31 23.19
N LEU A 165 -2.17 -9.06 22.25
CA LEU A 165 -3.60 -8.95 22.56
C LEU A 165 -4.25 -10.29 22.88
N LEU A 166 -3.65 -11.37 22.38
CA LEU A 166 -4.24 -12.69 22.52
C LEU A 166 -3.17 -13.68 22.99
N PRO A 167 -2.78 -13.59 24.28
CA PRO A 167 -1.73 -14.45 24.82
C PRO A 167 -2.04 -15.94 24.73
N GLU A 168 -3.32 -16.33 24.71
CA GLU A 168 -3.67 -17.74 24.69
C GLU A 168 -3.78 -18.30 23.27
N ALA A 169 -3.61 -17.45 22.27
CA ALA A 169 -3.65 -17.92 20.88
C ALA A 169 -2.30 -18.50 20.48
N LYS A 170 -2.20 -19.83 20.52
CA LYS A 170 -0.93 -20.51 20.28
C LYS A 170 -0.85 -21.15 18.90
N ARG A 171 -2.01 -21.43 18.29
CA ARG A 171 -2.04 -22.19 17.05
C ARG A 171 -2.53 -21.34 15.88
N TRP A 172 -1.64 -21.11 14.91
CA TRP A 172 -1.93 -20.21 13.80
C TRP A 172 -1.89 -20.91 12.45
N TYR A 173 -2.99 -20.80 11.69
CA TYR A 173 -3.11 -21.43 10.38
C TYR A 173 -3.18 -20.38 9.29
N THR A 174 -2.43 -20.59 8.21
CA THR A 174 -2.37 -19.62 7.12
C THR A 174 -3.05 -20.12 5.85
N ILE A 175 -3.67 -19.19 5.14
CA ILE A 175 -4.17 -19.43 3.79
C ILE A 175 -3.47 -18.45 2.85
N THR A 176 -2.80 -18.98 1.83
CA THR A 176 -1.82 -18.19 1.07
C THR A 176 -1.95 -18.39 -0.44
N PRO A 177 -1.94 -17.30 -1.21
CA PRO A 177 -1.93 -17.51 -2.67
C PRO A 177 -0.57 -18.03 -3.07
N GLN A 178 -0.51 -19.02 -3.97
CA GLN A 178 0.78 -19.59 -4.34
C GLN A 178 1.44 -18.68 -5.37
N TYR A 179 2.08 -17.62 -4.89
CA TYR A 179 2.53 -16.50 -5.72
C TYR A 179 3.56 -15.71 -4.91
N VAL A 180 4.44 -14.97 -5.59
CA VAL A 180 5.61 -14.38 -4.91
C VAL A 180 5.25 -13.49 -3.72
N PHE A 181 4.21 -12.68 -3.84
CA PHE A 181 3.81 -11.80 -2.75
C PHE A 181 3.27 -12.62 -1.58
N GLY A 182 2.45 -13.63 -1.90
CA GLY A 182 1.92 -14.50 -0.88
C GLY A 182 3.03 -15.23 -0.15
N GLU A 183 4.00 -15.75 -0.90
CA GLU A 183 5.11 -16.49 -0.28
C GLU A 183 5.95 -15.59 0.62
N ALA A 184 6.10 -14.33 0.25
CA ALA A 184 6.88 -13.40 1.08
C ALA A 184 6.16 -13.18 2.41
N LEU A 185 4.84 -12.98 2.35
CA LEU A 185 4.06 -12.87 3.57
C LEU A 185 4.16 -14.14 4.41
N LEU A 186 4.04 -15.30 3.77
CA LEU A 186 4.12 -16.57 4.49
C LEU A 186 5.49 -16.74 5.13
N GLU A 187 6.53 -16.46 4.36
CA GLU A 187 7.91 -16.48 4.86
C GLU A 187 8.02 -15.64 6.15
N GLY A 188 7.44 -14.44 6.13
CA GLY A 188 7.44 -13.58 7.30
C GLY A 188 6.61 -14.12 8.46
N ALA A 189 5.44 -14.68 8.17
CA ALA A 189 4.60 -15.23 9.23
C ALA A 189 5.35 -16.33 9.97
N LYS A 190 6.09 -17.15 9.22
CA LYS A 190 6.90 -18.22 9.83
C LYS A 190 8.05 -17.66 10.69
N GLN A 191 8.70 -16.61 10.22
CA GLN A 191 9.74 -15.96 11.03
C GLN A 191 9.16 -15.46 12.35
N VAL A 192 7.99 -14.83 12.29
CA VAL A 192 7.36 -14.31 13.51
C VAL A 192 6.99 -15.44 14.48
N CYS A 193 6.41 -16.51 13.94
CA CYS A 193 6.06 -17.67 14.74
C CYS A 193 7.26 -18.23 15.49
N ALA A 194 8.38 -18.38 14.78
CA ALA A 194 9.61 -18.86 15.39
C ALA A 194 10.11 -17.91 16.49
N GLU A 195 10.12 -16.61 16.19
CA GLU A 195 10.64 -15.62 17.13
C GLU A 195 9.81 -15.48 18.41
N HIS A 196 8.49 -15.66 18.30
CA HIS A 196 7.61 -15.35 19.44
C HIS A 196 7.00 -16.56 20.14
N GLY A 197 7.44 -17.75 19.78
CA GLY A 197 7.02 -18.95 20.48
C GLY A 197 5.57 -19.36 20.26
N ILE A 198 5.02 -19.04 19.10
CA ILE A 198 3.70 -19.56 18.73
C ILE A 198 3.88 -20.59 17.63
N GLU A 199 2.81 -21.32 17.32
CA GLU A 199 2.93 -22.45 16.40
C GLU A 199 2.21 -22.23 15.06
N HIS A 200 2.97 -22.31 13.97
CA HIS A 200 2.39 -22.35 12.64
C HIS A 200 1.92 -23.77 12.38
N ILE A 201 0.63 -24.01 12.61
CA ILE A 201 0.11 -25.38 12.63
C ILE A 201 -0.21 -25.94 11.26
N GLY A 202 -0.20 -25.08 10.24
CA GLY A 202 -0.51 -25.52 8.90
C GLY A 202 -0.76 -24.41 7.90
N ASN A 203 -0.83 -24.80 6.63
CA ASN A 203 -1.00 -23.85 5.55
C ASN A 203 -1.80 -24.47 4.41
N SER A 204 -2.66 -23.67 3.78
CA SER A 204 -3.29 -24.06 2.53
C SER A 204 -2.90 -23.06 1.44
N TYR A 205 -2.30 -23.57 0.36
CA TYR A 205 -2.03 -22.75 -0.82
C TYR A 205 -3.23 -22.73 -1.75
N HIS A 206 -3.41 -21.63 -2.48
CA HIS A 206 -4.41 -21.57 -3.52
C HIS A 206 -3.89 -20.70 -4.66
N SER A 207 -4.53 -20.79 -5.83
CA SER A 207 -4.09 -20.00 -6.97
C SER A 207 -4.66 -18.59 -6.89
N LEU A 208 -4.08 -17.69 -7.68
CA LEU A 208 -4.55 -16.30 -7.70
C LEU A 208 -5.95 -16.18 -8.33
N GLN A 209 -6.32 -17.19 -9.10
CA GLN A 209 -7.63 -17.18 -9.76
C GLN A 209 -8.72 -17.86 -8.93
N GLU A 210 -8.33 -18.52 -7.84
CA GLU A 210 -9.29 -19.26 -7.01
C GLU A 210 -10.49 -18.44 -6.55
N GLN A 211 -11.69 -18.98 -6.76
CA GLN A 211 -12.91 -18.32 -6.36
C GLN A 211 -13.59 -19.05 -5.22
N GLU A 212 -13.14 -20.28 -4.94
CA GLU A 212 -13.82 -21.14 -3.98
C GLU A 212 -12.90 -21.55 -2.83
N PHE A 213 -13.30 -21.20 -1.61
CA PHE A 213 -12.43 -21.38 -0.46
C PHE A 213 -12.93 -22.39 0.57
N SER A 214 -14.11 -22.98 0.34
CA SER A 214 -14.69 -23.92 1.29
C SER A 214 -13.72 -25.03 1.71
N GLY A 215 -13.00 -25.57 0.74
CA GLY A 215 -12.06 -26.66 1.00
C GLY A 215 -10.90 -26.23 1.88
N TYR A 216 -10.39 -25.02 1.65
CA TYR A 216 -9.28 -24.53 2.45
C TYR A 216 -9.77 -24.16 3.85
N LEU A 217 -11.02 -23.70 3.94
CA LEU A 217 -11.58 -23.38 5.24
C LEU A 217 -11.79 -24.64 6.07
N THR A 218 -12.22 -25.74 5.44
CA THR A 218 -12.36 -26.98 6.23
C THR A 218 -10.99 -27.57 6.59
N ASN A 219 -9.98 -27.38 5.75
CA ASN A 219 -8.61 -27.73 6.13
C ASN A 219 -8.22 -27.00 7.41
N ALA A 220 -8.53 -25.71 7.46
CA ALA A 220 -8.25 -24.92 8.65
C ALA A 220 -9.00 -25.47 9.87
N ILE A 221 -10.30 -25.71 9.72
CA ILE A 221 -11.12 -26.26 10.82
C ILE A 221 -10.49 -27.50 11.42
N ALA A 222 -10.10 -28.43 10.55
CA ALA A 222 -9.54 -29.70 11.01
C ALA A 222 -8.27 -29.48 11.84
N ALA A 223 -7.53 -28.43 11.51
CA ALA A 223 -6.27 -28.13 12.18
C ALA A 223 -6.45 -27.53 13.59
N ARG A 224 -7.67 -27.11 13.91
CA ARG A 224 -7.99 -26.51 15.22
C ARG A 224 -7.15 -25.29 15.55
N PRO A 225 -7.21 -24.25 14.71
CA PRO A 225 -6.37 -23.10 15.03
C PRO A 225 -7.05 -22.18 16.02
N ASP A 226 -6.25 -21.31 16.63
CA ASP A 226 -6.77 -20.21 17.44
C ASP A 226 -6.91 -18.98 16.54
N VAL A 227 -6.03 -18.85 15.56
CA VAL A 227 -6.13 -17.76 14.59
C VAL A 227 -5.98 -18.27 13.15
N LEU A 228 -6.93 -17.87 12.30
CA LEU A 228 -6.80 -18.06 10.87
C LEU A 228 -6.21 -16.80 10.25
N VAL A 229 -5.08 -16.96 9.57
CA VAL A 229 -4.37 -15.84 8.96
C VAL A 229 -4.53 -15.87 7.44
N LEU A 230 -5.26 -14.90 6.90
CA LEU A 230 -5.39 -14.78 5.45
C LEU A 230 -4.23 -13.99 4.87
N LEU A 231 -3.46 -14.62 3.98
CA LEU A 231 -2.33 -13.94 3.35
C LEU A 231 -2.61 -13.61 1.89
N ASN A 232 -3.89 -13.65 1.50
CA ASN A 232 -4.29 -13.18 0.18
C ASN A 232 -4.63 -11.69 0.25
N PHE A 233 -5.03 -11.11 -0.87
CA PHE A 233 -5.17 -9.65 -0.94
C PHE A 233 -6.12 -9.28 -2.06
N GLY A 234 -6.53 -8.02 -2.10
CA GLY A 234 -7.39 -7.53 -3.17
C GLY A 234 -8.76 -8.19 -3.16
N SER A 235 -9.39 -8.29 -4.33
CA SER A 235 -10.73 -8.88 -4.44
C SER A 235 -10.78 -10.26 -3.85
N GLN A 236 -9.67 -10.98 -3.99
CA GLN A 236 -9.62 -12.37 -3.55
C GLN A 236 -9.74 -12.46 -2.03
N SER A 237 -9.05 -11.59 -1.30
CA SER A 237 -9.16 -11.61 0.15
C SER A 237 -10.59 -11.26 0.60
N SER A 238 -11.25 -10.33 -0.11
CA SER A 238 -12.64 -10.01 0.23
C SER A 238 -13.53 -11.24 0.06
N ASN A 239 -13.34 -11.95 -1.04
CA ASN A 239 -14.13 -13.13 -1.29
C ASN A 239 -13.83 -14.22 -0.25
N ALA A 240 -12.55 -14.44 0.04
CA ALA A 240 -12.16 -15.40 1.07
C ALA A 240 -12.75 -15.06 2.45
N LEU A 241 -12.63 -13.79 2.84
CA LEU A 241 -13.11 -13.36 4.16
C LEU A 241 -14.62 -13.51 4.27
N ARG A 242 -15.31 -13.15 3.19
N ARG A 242 -15.35 -13.26 3.20
CA ARG A 242 -16.76 -13.26 3.14
CA ARG A 242 -16.79 -13.30 3.14
C ARG A 242 -17.19 -14.71 3.23
C ARG A 242 -17.24 -14.75 3.18
N GLN A 243 -16.47 -15.60 2.56
CA GLN A 243 -16.79 -17.02 2.67
C GLN A 243 -16.47 -17.56 4.06
N ALA A 244 -15.34 -17.13 4.63
CA ALA A 244 -14.96 -17.56 5.97
C ALA A 244 -16.05 -17.20 6.97
N VAL A 245 -16.52 -15.96 6.90
CA VAL A 245 -17.55 -15.51 7.82
C VAL A 245 -18.89 -16.22 7.61
N ASN A 246 -19.31 -16.31 6.35
CA ASN A 246 -20.54 -17.06 6.04
C ASN A 246 -20.42 -18.53 6.43
N PHE A 247 -19.19 -19.02 6.48
CA PHE A 247 -18.93 -20.42 6.86
C PHE A 247 -19.00 -20.67 8.38
N GLY A 248 -18.95 -19.60 9.18
CA GLY A 248 -19.03 -19.75 10.63
C GLY A 248 -17.69 -19.67 11.34
N ILE A 249 -16.65 -19.26 10.61
CA ILE A 249 -15.29 -19.24 11.14
C ILE A 249 -15.10 -18.38 12.39
N LYS A 250 -15.74 -17.20 12.42
CA LYS A 250 -15.54 -16.27 13.52
C LYS A 250 -16.05 -16.82 14.87
N GLU A 251 -16.99 -17.77 14.81
CA GLU A 251 -17.47 -18.43 16.04
C GLU A 251 -16.47 -19.46 16.55
N ARG A 252 -15.55 -19.91 15.69
CA ARG A 252 -14.61 -20.97 16.09
C ARG A 252 -13.23 -20.45 16.44
N LYS A 254 -10.21 -16.80 15.74
CA LYS A 254 -10.00 -15.41 15.35
C LYS A 254 -9.52 -15.36 13.91
N VAL A 255 -9.80 -14.26 13.23
CA VAL A 255 -9.37 -14.10 11.84
C VAL A 255 -8.52 -12.84 11.71
N LEU A 256 -7.36 -12.97 11.04
CA LEU A 256 -6.52 -11.83 10.71
C LEU A 256 -6.29 -11.74 9.20
N LEU A 257 -6.68 -10.62 8.60
CA LEU A 257 -6.30 -10.36 7.22
C LEU A 257 -5.11 -9.42 7.27
N VAL A 258 -3.92 -9.92 6.97
CA VAL A 258 -2.69 -9.14 7.18
C VAL A 258 -2.62 -7.93 6.25
N TRP A 259 -2.90 -8.15 4.97
CA TRP A 259 -2.74 -7.10 3.96
C TRP A 259 -4.11 -6.65 3.40
N SER A 260 -4.81 -5.79 4.14
CA SER A 260 -6.10 -5.31 3.66
C SER A 260 -5.92 -3.99 2.90
N ALA A 261 -6.93 -3.63 2.10
CA ALA A 261 -6.90 -2.37 1.36
C ALA A 261 -7.46 -1.21 2.19
N GLY A 262 -7.75 -1.46 3.47
CA GLY A 262 -8.29 -0.40 4.30
C GLY A 262 -9.73 -0.03 3.91
N LEU A 263 -10.06 1.26 4.04
CA LEU A 263 -11.44 1.72 3.94
C LEU A 263 -12.24 1.20 2.73
N ASP A 264 -11.69 1.27 1.53
CA ASP A 264 -12.50 0.89 0.39
C ASP A 264 -12.89 -0.59 0.42
N GLN A 265 -12.03 -1.42 0.99
CA GLN A 265 -12.37 -2.83 1.14
C GLN A 265 -13.38 -3.03 2.27
N PHE A 266 -13.22 -2.26 3.36
CA PHE A 266 -14.12 -2.37 4.50
C PHE A 266 -15.55 -1.99 4.10
N GLN A 267 -15.69 -0.95 3.28
CA GLN A 267 -16.99 -0.49 2.77
C GLN A 267 -17.68 -1.60 1.97
N GLU A 268 -16.93 -2.27 1.11
CA GLU A 268 -17.46 -3.37 0.30
C GLU A 268 -17.96 -4.51 1.18
N LEU A 269 -17.19 -4.85 2.22
CA LEU A 269 -17.54 -5.98 3.09
C LEU A 269 -18.66 -5.67 4.09
N GLY A 270 -18.66 -4.45 4.63
CA GLY A 270 -19.67 -4.08 5.62
C GLY A 270 -19.43 -4.67 7.02
N SER A 271 -20.07 -4.09 8.02
CA SER A 271 -19.81 -4.47 9.41
C SER A 271 -20.24 -5.90 9.80
N ASP A 272 -21.23 -6.45 9.11
CA ASP A 272 -21.65 -7.83 9.42
C ASP A 272 -20.51 -8.80 9.18
N VAL A 273 -19.84 -8.63 8.05
CA VAL A 273 -18.66 -9.44 7.75
C VAL A 273 -17.48 -9.06 8.64
N LEU A 274 -17.20 -7.76 8.76
CA LEU A 274 -15.97 -7.28 9.40
C LEU A 274 -15.90 -7.35 10.92
N GLU A 275 -17.03 -7.33 11.60
CA GLU A 275 -17.04 -7.26 13.06
C GLU A 275 -16.10 -8.30 13.69
N GLY A 276 -15.16 -7.83 14.51
CA GLY A 276 -14.27 -8.70 15.25
C GLY A 276 -13.06 -9.20 14.47
N VAL A 277 -13.02 -8.92 13.18
CA VAL A 277 -11.92 -9.40 12.34
C VAL A 277 -10.72 -8.46 12.49
N TYR A 278 -9.53 -9.03 12.63
CA TYR A 278 -8.31 -8.22 12.71
C TYR A 278 -7.79 -7.91 11.31
N LEU A 279 -7.33 -6.68 11.11
CA LEU A 279 -7.04 -6.18 9.77
C LEU A 279 -5.77 -5.34 9.78
N GLY A 280 -4.90 -5.57 8.81
CA GLY A 280 -3.74 -4.72 8.64
C GLY A 280 -3.98 -3.70 7.54
N ALA A 281 -3.50 -2.47 7.72
CA ALA A 281 -3.69 -1.47 6.69
C ALA A 281 -2.57 -0.42 6.67
N GLN A 282 -2.42 0.25 5.53
CA GLN A 282 -1.36 1.23 5.33
C GLN A 282 -1.76 2.62 5.80
N TYR A 283 -3.07 2.83 5.93
CA TYR A 283 -3.61 4.17 6.10
C TYR A 283 -4.99 4.08 6.75
N TRP A 284 -5.34 5.05 7.60
CA TRP A 284 -6.69 5.11 8.16
C TRP A 284 -7.10 6.56 8.31
N HIS A 285 -8.25 6.92 7.74
CA HIS A 285 -8.66 8.32 7.65
C HIS A 285 -8.93 8.98 8.99
N GLN A 286 -9.17 8.19 10.03
CA GLN A 286 -9.46 8.78 11.34
C GLN A 286 -8.25 9.15 12.18
N VAL A 287 -7.07 8.70 11.76
CA VAL A 287 -5.86 9.06 12.51
C VAL A 287 -5.60 10.58 12.47
N ASP A 288 -5.45 11.18 13.65
CA ASP A 288 -5.34 12.62 13.77
C ASP A 288 -3.90 13.08 13.61
N THR A 289 -3.57 13.62 12.44
CA THR A 289 -2.23 14.15 12.16
C THR A 289 -2.40 15.39 11.30
N PRO A 290 -1.42 16.31 11.32
CA PRO A 290 -1.54 17.55 10.55
C PRO A 290 -1.87 17.32 9.06
N LEU A 291 -1.13 16.45 8.39
CA LEU A 291 -1.43 16.25 6.98
C LEU A 291 -2.76 15.52 6.74
N ASN A 292 -3.09 14.56 7.59
CA ASN A 292 -4.34 13.85 7.41
C ASN A 292 -5.55 14.76 7.62
N ARG A 293 -5.47 15.67 8.58
CA ARG A 293 -6.54 16.66 8.75
C ARG A 293 -6.74 17.46 7.47
N GLU A 294 -5.65 17.89 6.86
CA GLU A 294 -5.70 18.61 5.58
C GLU A 294 -6.29 17.76 4.48
N LEU A 295 -5.84 16.51 4.40
CA LEU A 295 -6.28 15.63 3.31
C LEU A 295 -7.77 15.32 3.42
N VAL A 296 -8.25 15.04 4.63
CA VAL A 296 -9.67 14.78 4.82
C VAL A 296 -10.53 15.98 4.39
N LYS A 297 -10.14 17.18 4.79
CA LYS A 297 -10.84 18.40 4.36
C LYS A 297 -10.86 18.49 2.84
N LEU A 298 -9.73 18.16 2.23
CA LEU A 298 -9.57 18.28 0.79
C LEU A 298 -10.50 17.32 0.07
N THR A 299 -10.49 16.05 0.48
CA THR A 299 -11.34 15.08 -0.19
C THR A 299 -12.83 15.35 0.08
N GLN A 300 -13.17 15.84 1.27
CA GLN A 300 -14.56 16.19 1.56
C GLN A 300 -15.02 17.36 0.69
N ALA A 301 -14.13 18.33 0.47
CA ALA A 301 -14.48 19.53 -0.29
C ALA A 301 -14.41 19.31 -1.81
N LYS A 302 -13.66 18.30 -2.23
CA LYS A 302 -13.48 18.08 -3.67
C LYS A 302 -14.31 16.93 -4.20
N TYR A 303 -14.64 15.97 -3.33
CA TYR A 303 -15.34 14.75 -3.76
C TYR A 303 -16.46 14.36 -2.82
N GLY A 304 -16.52 14.98 -1.65
CA GLY A 304 -17.57 14.68 -0.68
C GLY A 304 -17.41 13.32 -0.01
N ILE A 305 -16.17 12.84 0.11
CA ILE A 305 -15.90 11.55 0.73
C ILE A 305 -14.67 11.61 1.64
N ASN A 306 -14.47 10.55 2.42
CA ASN A 306 -13.23 10.38 3.18
C ASN A 306 -12.16 9.74 2.31
N PRO A 307 -10.88 10.04 2.57
CA PRO A 307 -9.79 9.48 1.77
C PRO A 307 -9.68 7.97 1.98
N THR A 308 -9.36 7.23 0.93
CA THR A 308 -9.09 5.79 1.03
C THR A 308 -7.58 5.57 0.83
N TYR A 309 -7.11 4.35 1.03
CA TYR A 309 -5.68 4.06 0.89
C TYR A 309 -5.06 4.42 -0.48
N PRO A 310 -5.67 3.95 -1.59
CA PRO A 310 -5.06 4.29 -2.90
C PRO A 310 -5.00 5.79 -3.13
N LEU A 311 -6.02 6.51 -2.70
CA LEU A 311 -6.05 7.97 -2.86
C LEU A 311 -4.94 8.61 -2.01
N ALA A 312 -4.86 8.21 -0.74
CA ALA A 312 -3.90 8.84 0.17
C ALA A 312 -2.45 8.56 -0.22
N ALA A 313 -2.19 7.34 -0.68
CA ALA A 313 -0.83 6.94 -1.03
C ALA A 313 -0.29 7.71 -2.24
N ASP A 314 -1.16 7.92 -3.23
CA ASP A 314 -0.75 8.69 -4.40
C ASP A 314 -0.79 10.19 -4.14
N TYR A 315 -1.68 10.65 -3.27
CA TYR A 315 -1.63 12.05 -2.85
C TYR A 315 -0.27 12.39 -2.23
N ILE A 316 0.13 11.64 -1.21
CA ILE A 316 1.39 11.97 -0.54
C ILE A 316 2.61 11.72 -1.45
N GLY A 317 2.58 10.64 -2.22
CA GLY A 317 3.69 10.33 -3.10
C GLY A 317 3.89 11.44 -4.12
N SER A 318 2.80 12.01 -4.59
CA SER A 318 2.86 13.11 -5.55
C SER A 318 3.25 14.41 -4.89
N LYS A 319 2.69 14.68 -3.71
CA LYS A 319 3.02 15.90 -2.97
C LYS A 319 4.51 15.97 -2.59
N ILE A 320 5.10 14.85 -2.22
CA ILE A 320 6.53 14.85 -1.86
C ILE A 320 7.39 15.29 -3.04
N ILE A 321 7.08 14.77 -4.22
CA ILE A 321 7.84 15.11 -5.41
C ILE A 321 7.69 16.60 -5.74
N LEU A 322 6.45 17.09 -5.76
CA LEU A 322 6.20 18.48 -6.13
C LEU A 322 6.80 19.43 -5.08
N ASP A 323 6.64 19.09 -3.81
CA ASP A 323 7.21 19.90 -2.71
C ASP A 323 8.73 19.97 -2.81
N THR A 324 9.35 18.88 -3.26
CA THR A 324 10.80 18.84 -3.30
C THR A 324 11.34 19.57 -4.53
N ILE A 325 10.60 19.49 -5.64
CA ILE A 325 10.92 20.34 -6.78
C ILE A 325 10.85 21.80 -6.31
N ALA A 326 9.75 22.14 -5.65
CA ALA A 326 9.57 23.50 -5.16
C ALA A 326 10.68 23.86 -4.19
N ALA A 327 11.08 22.95 -3.31
CA ALA A 327 12.13 23.29 -2.33
C ALA A 327 13.54 23.42 -2.93
N THR A 328 13.86 22.57 -3.89
CA THR A 328 15.20 22.56 -4.50
C THR A 328 15.35 23.60 -5.61
N GLY A 329 14.22 24.08 -6.13
CA GLY A 329 14.27 24.92 -7.31
C GLY A 329 14.85 24.19 -8.51
N SER A 330 14.64 22.88 -8.57
CA SER A 330 15.23 22.07 -9.62
C SER A 330 14.24 21.12 -10.28
N PHE A 331 14.29 21.06 -11.62
CA PHE A 331 13.53 20.06 -12.37
C PHE A 331 14.44 18.91 -12.79
N ASP A 332 15.63 18.84 -12.19
CA ASP A 332 16.57 17.78 -12.52
C ASP A 332 16.29 16.58 -11.63
N GLY A 333 16.01 15.43 -12.24
CA GLY A 333 15.63 14.25 -11.48
C GLY A 333 16.64 13.88 -10.42
N ALA A 334 17.92 13.85 -10.79
CA ALA A 334 18.94 13.37 -9.88
C ALA A 334 19.10 14.31 -8.66
N THR A 335 18.91 15.61 -8.90
CA THR A 335 18.97 16.61 -7.85
C THR A 335 17.78 16.45 -6.89
N VAL A 336 16.59 16.24 -7.45
CA VAL A 336 15.39 16.06 -6.64
C VAL A 336 15.46 14.75 -5.83
N ALA A 337 15.91 13.68 -6.48
CA ALA A 337 16.04 12.40 -5.79
C ALA A 337 17.01 12.51 -4.59
N LYS A 338 18.13 13.20 -4.78
CA LYS A 338 19.11 13.33 -3.70
C LYS A 338 18.51 14.10 -2.53
N ALA A 339 17.74 15.13 -2.85
CA ALA A 339 17.08 15.93 -1.82
C ALA A 339 16.01 15.10 -1.09
N GLN A 341 16.31 11.92 -0.31
CA GLN A 341 16.99 11.00 0.59
C GLN A 341 17.11 11.61 1.98
N GLY A 342 16.54 10.94 2.97
CA GLY A 342 16.61 11.42 4.34
C GLY A 342 15.64 12.55 4.62
N LEU A 343 14.75 12.84 3.66
CA LEU A 343 13.74 13.89 3.86
C LEU A 343 12.70 13.50 4.92
N THR A 344 12.41 14.44 5.83
CA THR A 344 11.35 14.28 6.82
C THR A 344 10.22 15.24 6.46
N TYR A 345 8.97 14.78 6.52
CA TYR A 345 7.86 15.60 6.03
C TYR A 345 6.60 15.18 6.79
N GLN A 346 5.53 15.97 6.69
CA GLN A 346 4.26 15.54 7.27
C GLN A 346 3.49 14.69 6.25
N GLY A 347 3.16 13.47 6.67
CA GLY A 347 2.47 12.53 5.81
C GLY A 347 1.16 12.09 6.43
N PRO A 348 0.43 11.21 5.73
CA PRO A 348 -0.90 10.78 6.15
C PRO A 348 -0.88 10.04 7.49
N THR A 349 0.24 9.39 7.84
CA THR A 349 0.29 8.61 9.08
C THR A 349 0.91 9.41 10.22
N GLY A 350 1.39 10.62 9.92
CA GLY A 350 2.10 11.42 10.91
C GLY A 350 3.40 11.92 10.32
N GLU A 351 4.38 12.20 11.17
CA GLU A 351 5.68 12.61 10.66
C GLU A 351 6.40 11.39 10.07
N GLU A 352 6.73 11.48 8.79
CA GLU A 352 7.31 10.36 8.06
C GLU A 352 8.67 10.80 7.53
N SER A 353 9.57 9.85 7.30
CA SER A 353 10.86 10.16 6.71
C SER A 353 11.20 9.18 5.60
N ILE A 354 11.88 9.66 4.56
CA ILE A 354 12.38 8.73 3.55
C ILE A 354 13.77 8.27 3.96
N ARG A 355 13.92 6.99 4.30
CA ARG A 355 15.23 6.49 4.66
C ARG A 355 16.21 6.60 3.49
N ALA A 356 17.37 7.21 3.73
CA ALA A 356 18.33 7.51 2.67
C ALA A 356 18.93 6.25 2.01
N GLY A 357 19.25 5.25 2.82
CA GLY A 357 19.93 4.05 2.34
C GLY A 357 19.14 3.12 1.41
N ASP A 358 17.82 3.06 1.55
CA ASP A 358 17.02 2.13 0.72
C ASP A 358 15.79 2.78 0.06
N HIS A 359 15.63 4.09 0.25
CA HIS A 359 14.53 4.84 -0.39
C HIS A 359 13.13 4.39 0.05
N GLN A 360 13.07 3.77 1.22
CA GLN A 360 11.81 3.36 1.84
C GLN A 360 11.28 4.45 2.75
N VAL A 361 9.99 4.80 2.60
CA VAL A 361 9.36 5.67 3.57
C VAL A 361 9.21 4.94 4.90
N ILE A 362 9.67 5.55 5.98
CA ILE A 362 9.52 5.00 7.31
C ILE A 362 8.23 5.60 7.87
N LYS A 363 7.23 4.75 8.09
CA LYS A 363 5.92 5.22 8.53
C LYS A 363 5.22 4.07 9.21
N ASP A 364 4.09 4.37 9.86
CA ASP A 364 3.32 3.34 10.54
C ASP A 364 2.64 2.38 9.57
N TYR A 365 2.46 1.15 10.06
CA TYR A 365 1.48 0.21 9.51
C TYR A 365 0.52 -0.03 10.66
N TYR A 366 -0.74 -0.32 10.37
CA TYR A 366 -1.76 -0.41 11.41
C TYR A 366 -2.34 -1.79 11.59
N LEU A 367 -2.63 -2.13 12.85
CA LEU A 367 -3.52 -3.27 13.14
C LEU A 367 -4.87 -2.70 13.58
N LEU A 368 -5.93 -3.09 12.88
CA LEU A 368 -7.27 -2.64 13.23
C LEU A 368 -8.13 -3.84 13.56
N VAL A 369 -9.30 -3.57 14.12
CA VAL A 369 -10.30 -4.60 14.29
C VAL A 369 -11.64 -4.06 13.79
N GLY A 370 -12.39 -4.88 13.07
CA GLY A 370 -13.69 -4.46 12.56
C GLY A 370 -14.65 -4.16 13.70
N LYS A 371 -15.43 -3.09 13.57
CA LYS A 371 -16.32 -2.66 14.64
C LYS A 371 -17.72 -3.27 14.54
N ALA A 372 -18.39 -3.44 15.67
CA ALA A 372 -19.79 -3.84 15.65
C ALA A 372 -20.61 -2.66 15.11
N ALA A 373 -21.65 -2.96 14.34
CA ALA A 373 -22.51 -1.95 13.75
C ALA A 373 -22.97 -0.88 14.76
N ALA A 374 -23.31 -1.30 15.97
CA ALA A 374 -23.84 -0.38 16.97
C ALA A 374 -22.83 0.66 17.45
N THR A 375 -21.54 0.39 17.25
CA THR A 375 -20.51 1.29 17.75
C THR A 375 -20.06 2.27 16.67
N ARG A 377 -20.18 5.54 14.26
CA ARG A 377 -20.65 6.91 14.30
C ARG A 377 -21.09 7.36 12.91
N ASP A 378 -20.52 6.75 11.88
CA ASP A 378 -20.92 7.05 10.51
C ASP A 378 -20.60 5.88 9.62
N LYS A 379 -20.98 5.97 8.34
CA LYS A 379 -20.83 4.85 7.42
C LYS A 379 -19.38 4.39 7.24
N ASP A 380 -18.43 5.29 7.50
CA ASP A 380 -17.01 4.95 7.30
C ASP A 380 -16.32 4.54 8.59
N ASP A 381 -17.03 4.56 9.70
CA ASP A 381 -16.45 4.25 11.00
C ASP A 381 -16.38 2.73 11.19
N LEU A 382 -15.71 2.06 10.27
CA LEU A 382 -15.87 0.61 10.11
C LEU A 382 -14.90 -0.24 10.93
N ALA A 383 -13.80 0.37 11.36
CA ALA A 383 -12.75 -0.36 12.07
C ALA A 383 -12.10 0.53 13.12
N GLU A 384 -11.47 -0.10 14.10
CA GLU A 384 -10.84 0.61 15.21
C GLU A 384 -9.35 0.28 15.24
N VAL A 385 -8.49 1.31 15.28
CA VAL A 385 -7.04 1.08 15.33
C VAL A 385 -6.66 0.50 16.70
N LEU A 386 -5.91 -0.60 16.73
CA LEU A 386 -5.48 -1.22 17.98
C LEU A 386 -4.00 -1.00 18.19
N SER A 387 -3.28 -0.82 17.10
CA SER A 387 -1.83 -0.69 17.17
C SER A 387 -1.34 -0.01 15.92
N ALA A 388 -0.22 0.68 16.01
CA ALA A 388 0.39 1.33 14.86
C ALA A 388 1.87 1.40 15.18
N GLY A 389 2.72 1.18 14.18
CA GLY A 389 4.13 1.15 14.50
C GLY A 389 5.00 0.96 13.28
N ARG A 390 6.31 1.12 13.49
CA ARG A 390 7.29 1.02 12.42
C ARG A 390 8.09 -0.28 12.56
N SER A 391 8.02 -1.14 11.55
CA SER A 391 8.87 -2.33 11.51
C SER A 391 9.58 -2.38 10.17
N PHE A 392 10.87 -2.11 10.20
CA PHE A 392 11.71 -2.10 9.00
C PHE A 392 13.04 -2.77 9.30
N PRO A 393 13.60 -3.48 8.32
CA PRO A 393 14.90 -4.13 8.49
C PRO A 393 16.00 -3.09 8.40
N ASP A 394 17.20 -3.42 8.87
CA ASP A 394 18.35 -2.54 8.71
C ASP A 394 18.64 -2.47 7.23
N VAL A 395 19.14 -1.32 6.75
CA VAL A 395 19.48 -1.19 5.34
C VAL A 395 20.44 -2.31 4.89
N SER A 396 21.37 -2.70 5.77
CA SER A 396 22.34 -3.74 5.45
C SER A 396 21.70 -5.11 5.16
N ALA A 397 20.45 -5.30 5.57
CA ALA A 397 19.77 -6.57 5.35
C ALA A 397 18.84 -6.56 4.14
N THR A 398 18.68 -5.41 3.49
CA THR A 398 17.68 -5.26 2.42
C THR A 398 18.18 -5.73 1.05
N GLY A 399 19.50 -5.70 0.86
CA GLY A 399 20.07 -6.00 -0.44
C GLY A 399 20.18 -4.77 -1.31
N CYS A 400 19.77 -3.61 -0.78
CA CYS A 400 19.87 -2.38 -1.55
C CYS A 400 21.23 -1.73 -1.37
N ALA A 401 21.93 -1.53 -2.47
CA ALA A 401 23.26 -0.92 -2.43
C ALA A 401 23.34 0.27 -3.35
N LEU A 402 23.03 1.45 -2.82
CA LEU A 402 23.08 2.69 -3.58
C LEU A 402 24.41 3.41 -3.38
#